data_6I0R
#
_entry.id   6I0R
#
_cell.length_a   54.900
_cell.length_b   48.500
_cell.length_c   60.500
_cell.angle_alpha   90.000
_cell.angle_beta   107.100
_cell.angle_gamma   90.000
#
_symmetry.space_group_name_H-M   'P 1 21 1'
#
loop_
_entity.id
_entity.type
_entity.pdbx_description
1 polymer 'Quinolinate synthase A'
2 non-polymer 'FE (III) ION'
3 non-polymer 'HYDROSULFURIC ACID'
4 non-polymer '5-mercaptopyridine-2,3-dicarboxylic acid'
5 water water
#
_entity_poly.entity_id   1
_entity_poly.type   'polypeptide(L)'
_entity_poly.pdbx_seq_one_letter_code
;MHHHHHHMVDEILKLKKEKGYIILAHNFQIPELQDIADFVGDSLQLARKAMELSEKKILFLGVDFMAELVKILNPDKKVI
VPDRSATCPMANRLTPEIIREYREKFPDAPVVLYVNSTSECKTLADVICTSANAVEVVKKLDSSVVIFGPDRNLGEYVAE
KTGKKVITIPENGHCPVHQFNAESIDAVRKKYPDAKVIVHPECPKPVRDKADYVGSTGQMEKIPERDPSRIFVIGTEIGM
IHKLKKKFPDREFVPLEMAVCVNMKKNTLENTLHALQTESFEVILPKEVIEKAKKPILRMFELMG
;
_entity_poly.pdbx_strand_id   A
#
loop_
_chem_comp.id
_chem_comp.type
_chem_comp.name
_chem_comp.formula
FE non-polymer 'FE (III) ION' 'Fe 3'
H2S non-polymer 'HYDROSULFURIC ACID' 'H2 S'
QAT non-polymer '5-mercaptopyridine-2,3-dicarboxylic acid' 'C7 H5 N O4 S'
#
# COMPACT_ATOMS: atom_id res chain seq x y z
N HIS A 3 -12.49 -22.87 -17.40
CA HIS A 3 -11.57 -23.90 -17.98
C HIS A 3 -10.14 -23.37 -18.11
N HIS A 4 -9.98 -22.22 -18.76
CA HIS A 4 -8.64 -21.62 -18.96
C HIS A 4 -8.06 -21.10 -17.64
N HIS A 5 -8.88 -20.47 -16.82
CA HIS A 5 -8.46 -20.02 -15.49
C HIS A 5 -8.12 -21.24 -14.68
N HIS A 6 -8.88 -22.31 -14.84
CA HIS A 6 -8.61 -23.57 -14.14
C HIS A 6 -7.23 -24.08 -14.52
N HIS A 7 -6.94 -24.10 -15.82
CA HIS A 7 -5.61 -24.45 -16.35
C HIS A 7 -4.58 -23.48 -15.79
N MET A 8 -4.81 -22.18 -15.99
CA MET A 8 -3.85 -21.14 -15.54
C MET A 8 -3.62 -21.23 -14.03
N VAL A 9 -4.69 -21.34 -13.25
CA VAL A 9 -4.56 -21.48 -11.79
C VAL A 9 -3.74 -22.72 -11.45
N ASP A 10 -4.10 -23.90 -11.95
CA ASP A 10 -3.41 -25.18 -11.63
C ASP A 10 -1.94 -25.13 -12.07
N GLU A 11 -1.67 -24.55 -13.23
CA GLU A 11 -0.29 -24.50 -13.77
C GLU A 11 0.53 -23.53 -12.90
N ILE A 12 -0.07 -22.41 -12.47
CA ILE A 12 0.58 -21.46 -11.54
C ILE A 12 0.93 -22.16 -10.23
N LEU A 13 -0.03 -22.86 -9.64
CA LEU A 13 0.18 -23.58 -8.37
C LEU A 13 1.25 -24.66 -8.55
N LYS A 14 1.27 -25.30 -9.71
CA LYS A 14 2.24 -26.34 -10.04
C LYS A 14 3.64 -25.74 -10.17
N LEU A 15 3.77 -24.70 -10.99
CA LEU A 15 5.08 -24.07 -11.24
C LEU A 15 5.62 -23.38 -9.99
N LYS A 16 4.74 -22.81 -9.14
CA LYS A 16 5.21 -22.14 -7.90
C LYS A 16 5.78 -23.17 -6.94
N LYS A 17 5.16 -24.34 -6.87
CA LYS A 17 5.65 -25.46 -6.05
C LYS A 17 6.98 -25.95 -6.61
N GLU A 18 6.94 -26.34 -7.87
CA GLU A 18 8.08 -26.91 -8.59
C GLU A 18 9.34 -26.02 -8.46
N LYS A 19 9.19 -24.70 -8.60
CA LYS A 19 10.35 -23.77 -8.70
C LYS A 19 10.67 -23.03 -7.40
N GLY A 20 10.00 -23.36 -6.30
CA GLY A 20 10.34 -22.84 -4.97
C GLY A 20 9.97 -21.39 -4.75
N TYR A 21 8.89 -20.90 -5.37
CA TYR A 21 8.41 -19.51 -5.20
C TYR A 21 7.33 -19.42 -4.13
N ILE A 22 7.40 -18.37 -3.32
CA ILE A 22 6.28 -17.89 -2.48
C ILE A 22 5.64 -16.68 -3.19
N ILE A 23 4.31 -16.71 -3.34
CA ILE A 23 3.54 -15.63 -3.97
C ILE A 23 3.04 -14.69 -2.88
N LEU A 24 3.39 -13.40 -2.98
CA LEU A 24 2.91 -12.32 -2.10
C LEU A 24 2.07 -11.38 -2.94
N ALA A 25 0.81 -11.15 -2.56
CA ALA A 25 -0.11 -10.28 -3.32
C ALA A 25 -0.63 -9.15 -2.46
N HIS A 26 -0.66 -7.94 -3.01
CA HIS A 26 -1.25 -6.78 -2.35
C HIS A 26 -2.77 -6.91 -2.32
N ASN A 27 -3.40 -6.24 -1.35
CA ASN A 27 -4.86 -6.20 -1.15
C ASN A 27 -5.63 -5.67 -2.38
N PHE A 28 -4.98 -4.94 -3.30
CA PHE A 28 -5.60 -4.33 -4.49
C PHE A 28 -5.45 -5.21 -5.74
N GLN A 29 -4.90 -6.41 -5.61
CA GLN A 29 -4.80 -7.34 -6.74
C GLN A 29 -6.18 -7.91 -7.04
N ILE A 30 -6.38 -8.34 -8.28
CA ILE A 30 -7.66 -8.98 -8.67
C ILE A 30 -7.90 -10.20 -7.77
N PRO A 31 -9.17 -10.55 -7.52
CA PRO A 31 -9.48 -11.69 -6.65
C PRO A 31 -8.79 -13.02 -7.03
N GLU A 32 -8.67 -13.29 -8.33
CA GLU A 32 -8.05 -14.54 -8.85
C GLU A 32 -6.56 -14.63 -8.45
N LEU A 33 -5.88 -13.49 -8.33
CA LEU A 33 -4.45 -13.48 -7.94
C LEU A 33 -4.34 -13.51 -6.43
N GLN A 34 -5.22 -12.79 -5.74
CA GLN A 34 -5.31 -12.92 -4.28
C GLN A 34 -5.50 -14.41 -3.90
N ASP A 35 -6.34 -15.11 -4.64
CA ASP A 35 -6.69 -16.50 -4.30
C ASP A 35 -5.54 -17.47 -4.53
N ILE A 36 -4.62 -17.20 -5.46
CA ILE A 36 -3.48 -18.12 -5.69
C ILE A 36 -2.25 -17.69 -4.91
N ALA A 37 -2.33 -16.57 -4.17
CA ALA A 37 -1.23 -16.06 -3.34
C ALA A 37 -1.09 -16.86 -2.05
N ASP A 38 0.15 -17.05 -1.59
CA ASP A 38 0.46 -17.62 -0.26
C ASP A 38 0.13 -16.62 0.86
N PHE A 39 0.33 -15.33 0.60
CA PHE A 39 -0.05 -14.27 1.55
C PHE A 39 -0.58 -13.06 0.78
N VAL A 40 -1.65 -12.47 1.31
CA VAL A 40 -2.26 -11.24 0.80
C VAL A 40 -2.24 -10.24 1.97
N GLY A 41 -1.86 -8.99 1.70
CA GLY A 41 -1.72 -7.96 2.75
C GLY A 41 -1.33 -6.59 2.20
N ASP A 42 -1.17 -5.62 3.11
CA ASP A 42 -0.62 -4.30 2.74
C ASP A 42 0.88 -4.41 2.58
N SER A 43 1.53 -3.35 2.11
CA SER A 43 2.96 -3.39 1.77
CA SER A 43 2.97 -3.34 1.78
C SER A 43 3.82 -3.71 3.00
N LEU A 44 3.44 -3.19 4.16
CA LEU A 44 4.20 -3.45 5.39
C LEU A 44 4.10 -4.91 5.82
N GLN A 45 2.89 -5.46 5.85
CA GLN A 45 2.70 -6.88 6.17
C GLN A 45 3.49 -7.73 5.20
N LEU A 46 3.47 -7.38 3.90
CA LEU A 46 4.08 -8.26 2.89
C LEU A 46 5.60 -8.23 3.00
N ALA A 47 6.14 -7.04 3.27
CA ALA A 47 7.58 -6.83 3.48
C ALA A 47 8.01 -7.59 4.73
N ARG A 48 7.30 -7.41 5.83
CA ARG A 48 7.62 -8.11 7.07
C ARG A 48 7.54 -9.60 6.85
N LYS A 49 6.51 -10.06 6.18
CA LYS A 49 6.35 -11.49 5.90
C LYS A 49 7.55 -12.03 5.12
N ALA A 50 7.99 -11.29 4.11
CA ALA A 50 9.12 -11.69 3.25
C ALA A 50 10.38 -11.99 4.08
N MET A 51 10.63 -11.15 5.08
CA MET A 51 11.79 -11.24 5.98
C MET A 51 11.81 -12.54 6.79
N GLU A 52 10.65 -13.14 7.02
CA GLU A 52 10.50 -14.36 7.85
C GLU A 52 10.65 -15.64 7.03
N LEU A 53 10.53 -15.53 5.71
CA LEU A 53 10.49 -16.69 4.81
C LEU A 53 11.84 -17.39 4.79
N SER A 54 11.79 -18.72 4.78
CA SER A 54 12.95 -19.58 4.56
C SER A 54 13.26 -19.65 3.06
N GLU A 55 12.24 -19.43 2.23
CA GLU A 55 12.36 -19.47 0.76
C GLU A 55 13.18 -18.28 0.30
N LYS A 56 13.89 -18.44 -0.81
CA LYS A 56 14.74 -17.38 -1.37
C LYS A 56 14.18 -16.84 -2.68
N LYS A 57 12.97 -17.28 -3.03
CA LYS A 57 12.32 -16.85 -4.26
C LYS A 57 10.93 -16.33 -3.96
N ILE A 58 10.64 -15.16 -4.50
CA ILE A 58 9.39 -14.44 -4.26
C ILE A 58 8.85 -13.96 -5.60
N LEU A 59 7.59 -14.30 -5.88
CA LEU A 59 6.78 -13.68 -6.94
C LEU A 59 5.87 -12.66 -6.26
N PHE A 60 6.13 -11.38 -6.50
CA PHE A 60 5.36 -10.30 -5.89
C PHE A 60 4.28 -9.76 -6.84
N LEU A 61 3.08 -9.58 -6.30
CA LEU A 61 1.90 -9.16 -7.06
C LEU A 61 1.36 -7.87 -6.48
N GLY A 62 1.77 -6.76 -7.10
CA GLY A 62 1.39 -5.41 -6.71
C GLY A 62 1.99 -4.41 -7.67
N VAL A 63 2.61 -3.36 -7.14
CA VAL A 63 3.25 -2.32 -7.97
C VAL A 63 4.69 -2.18 -7.50
N ASP A 64 5.50 -1.49 -8.32
CA ASP A 64 6.96 -1.61 -8.28
C ASP A 64 7.54 -1.17 -6.93
N PHE A 65 7.08 -0.05 -6.39
CA PHE A 65 7.65 0.44 -5.13
C PHE A 65 7.51 -0.60 -4.01
N MET A 66 6.46 -1.39 -4.07
CA MET A 66 6.18 -2.45 -3.08
C MET A 66 7.14 -3.60 -3.27
N ALA A 67 7.28 -4.08 -4.49
CA ALA A 67 8.21 -5.16 -4.84
C ALA A 67 9.64 -4.77 -4.44
N GLU A 68 9.98 -3.52 -4.66
CA GLU A 68 11.28 -2.96 -4.32
C GLU A 68 11.45 -2.85 -2.82
N LEU A 69 10.40 -2.45 -2.09
CA LEU A 69 10.41 -2.50 -0.62
C LEU A 69 10.76 -3.91 -0.15
N VAL A 70 10.11 -4.91 -0.71
CA VAL A 70 10.44 -6.31 -0.38
C VAL A 70 11.94 -6.56 -0.66
N LYS A 71 12.41 -6.19 -1.86
CA LYS A 71 13.78 -6.47 -2.29
C LYS A 71 14.82 -5.76 -1.41
N ILE A 72 14.57 -4.51 -1.05
CA ILE A 72 15.46 -3.74 -0.17
C ILE A 72 15.63 -4.44 1.18
N LEU A 73 14.55 -4.96 1.76
CA LEU A 73 14.62 -5.69 3.05
C LEU A 73 15.03 -7.13 2.92
N ASN A 74 15.16 -7.64 1.69
CA ASN A 74 15.47 -9.05 1.43
C ASN A 74 16.44 -9.13 0.25
N PRO A 75 17.61 -8.47 0.37
CA PRO A 75 18.53 -8.30 -0.76
C PRO A 75 18.98 -9.58 -1.48
N ASP A 76 19.04 -10.69 -0.75
CA ASP A 76 19.60 -11.92 -1.30
C ASP A 76 18.51 -12.87 -1.80
N LYS A 77 17.24 -12.49 -1.69
CA LYS A 77 16.15 -13.24 -2.30
C LYS A 77 15.98 -12.78 -3.75
N LYS A 78 15.56 -13.69 -4.63
CA LYS A 78 15.19 -13.34 -6.00
C LYS A 78 13.73 -12.95 -5.98
N VAL A 79 13.44 -11.70 -6.33
CA VAL A 79 12.07 -11.17 -6.36
C VAL A 79 11.72 -10.92 -7.82
N ILE A 80 10.62 -11.51 -8.29
CA ILE A 80 10.10 -11.21 -9.65
C ILE A 80 8.69 -10.63 -9.60
N VAL A 81 8.34 -9.93 -10.67
CA VAL A 81 6.99 -9.36 -10.89
C VAL A 81 6.55 -9.67 -12.32
N PRO A 82 5.25 -9.88 -12.56
CA PRO A 82 4.78 -10.23 -13.89
C PRO A 82 4.64 -9.06 -14.87
N ASP A 83 4.45 -7.84 -14.35
CA ASP A 83 4.43 -6.61 -15.17
C ASP A 83 5.39 -5.59 -14.53
N ARG A 84 6.52 -5.38 -15.17
CA ARG A 84 7.58 -4.48 -14.70
C ARG A 84 7.20 -2.98 -14.80
N SER A 85 6.07 -2.67 -15.47
CA SER A 85 5.55 -1.28 -15.62
C SER A 85 4.53 -0.93 -14.53
N ALA A 86 4.12 -1.90 -13.72
CA ALA A 86 3.16 -1.65 -12.63
C ALA A 86 3.81 -0.73 -11.61
N THR A 87 3.26 0.48 -11.49
CA THR A 87 3.86 1.56 -10.68
C THR A 87 2.77 2.46 -10.11
N CYS A 88 3.19 3.56 -9.48
CA CYS A 88 2.30 4.58 -8.92
C CYS A 88 2.60 5.95 -9.56
N PRO A 89 1.87 6.29 -10.64
CA PRO A 89 2.13 7.48 -11.46
C PRO A 89 2.26 8.77 -10.64
N MET A 90 1.38 8.94 -9.67
CA MET A 90 1.37 10.14 -8.84
C MET A 90 2.58 10.21 -7.90
N ALA A 91 3.09 9.07 -7.43
CA ALA A 91 4.30 9.04 -6.57
C ALA A 91 5.49 9.60 -7.31
N ASN A 92 5.56 9.30 -8.61
CA ASN A 92 6.71 9.67 -9.46
C ASN A 92 6.73 11.20 -9.74
N ARG A 93 5.73 11.95 -9.24
CA ARG A 93 5.72 13.43 -9.27
C ARG A 93 6.62 14.03 -8.19
N LEU A 94 6.90 13.26 -7.14
CA LEU A 94 7.91 13.67 -6.16
C LEU A 94 9.27 13.23 -6.68
N THR A 95 10.24 14.13 -6.56
CA THR A 95 11.57 13.99 -7.15
C THR A 95 12.64 14.31 -6.10
N PRO A 96 13.88 13.86 -6.35
CA PRO A 96 15.03 14.26 -5.54
C PRO A 96 15.23 15.77 -5.34
N GLU A 97 14.99 16.57 -6.37
CA GLU A 97 15.30 18.03 -6.34
C GLU A 97 14.29 18.75 -5.46
N ILE A 98 13.02 18.34 -5.50
CA ILE A 98 11.98 18.90 -4.61
C ILE A 98 12.34 18.57 -3.16
N ILE A 99 12.82 17.35 -2.88
CA ILE A 99 13.19 16.96 -1.51
C ILE A 99 14.32 17.86 -1.03
N ARG A 100 15.40 17.93 -1.81
CA ARG A 100 16.56 18.83 -1.53
C ARG A 100 16.15 20.28 -1.28
N GLU A 101 15.41 20.88 -2.21
CA GLU A 101 14.82 22.24 -2.06
C GLU A 101 14.14 22.40 -0.69
N TYR A 102 13.27 21.47 -0.29
CA TYR A 102 12.48 21.67 0.94
C TYR A 102 13.29 21.41 2.21
N ARG A 103 14.29 20.53 2.12
CA ARG A 103 15.25 20.28 3.22
C ARG A 103 16.02 21.55 3.53
N GLU A 104 16.49 22.25 2.49
CA GLU A 104 17.23 23.52 2.64
C GLU A 104 16.40 24.51 3.43
N LYS A 105 15.16 24.74 2.98
CA LYS A 105 14.26 25.78 3.55
C LYS A 105 13.84 25.41 4.98
N PHE A 106 13.63 24.12 5.26
CA PHE A 106 13.23 23.66 6.60
C PHE A 106 14.20 22.62 7.12
N PRO A 107 15.46 23.01 7.42
CA PRO A 107 16.52 22.06 7.73
C PRO A 107 16.24 21.18 8.95
N ASP A 108 15.37 21.62 9.85
CA ASP A 108 15.10 20.89 11.10
C ASP A 108 13.86 20.01 10.95
N ALA A 109 13.15 20.11 9.82
CA ALA A 109 11.96 19.28 9.56
C ALA A 109 12.38 17.92 9.00
N PRO A 110 12.19 16.82 9.75
CA PRO A 110 12.48 15.51 9.17
C PRO A 110 11.64 15.22 7.93
N VAL A 111 12.26 14.55 6.94
CA VAL A 111 11.60 14.14 5.69
C VAL A 111 10.95 12.77 5.91
N VAL A 112 9.63 12.81 5.98
CA VAL A 112 8.76 11.65 6.17
C VAL A 112 8.18 11.34 4.79
N LEU A 113 8.59 10.23 4.19
CA LEU A 113 8.08 9.84 2.87
C LEU A 113 7.10 8.69 2.95
N TYR A 114 5.98 8.85 2.28
CA TYR A 114 4.93 7.82 2.17
C TYR A 114 5.48 6.69 1.30
N VAL A 115 5.03 5.47 1.59
CA VAL A 115 5.56 4.22 0.98
C VAL A 115 5.55 4.24 -0.55
N ASN A 116 4.62 4.99 -1.17
CA ASN A 116 4.44 4.93 -2.63
C ASN A 116 5.56 5.66 -3.37
N SER A 117 6.38 6.41 -2.64
CA SER A 117 7.52 7.12 -3.20
C SER A 117 8.50 6.15 -3.88
N THR A 118 9.13 6.63 -4.93
CA THR A 118 10.15 5.86 -5.67
C THR A 118 11.28 5.43 -4.70
N SER A 119 11.95 4.34 -5.01
CA SER A 119 13.08 3.87 -4.20
C SER A 119 14.20 4.91 -4.16
N GLU A 120 14.53 5.53 -5.30
CA GLU A 120 15.44 6.70 -5.35
C GLU A 120 15.03 7.77 -4.34
N CYS A 121 13.76 8.16 -4.33
CA CYS A 121 13.26 9.14 -3.35
C CYS A 121 13.46 8.65 -1.92
N LYS A 122 13.27 7.35 -1.69
CA LYS A 122 13.43 6.77 -0.33
C LYS A 122 14.86 6.93 0.19
N THR A 123 15.86 6.92 -0.69
CA THR A 123 17.28 7.12 -0.31
C THR A 123 17.52 8.52 0.28
N LEU A 124 16.64 9.48 0.02
CA LEU A 124 16.73 10.86 0.56
C LEU A 124 15.79 11.17 1.75
N ALA A 125 15.04 10.16 2.23
CA ALA A 125 14.10 10.36 3.34
C ALA A 125 14.78 10.13 4.66
N ASP A 126 14.24 10.75 5.70
CA ASP A 126 14.62 10.46 7.09
C ASP A 126 13.84 9.29 7.65
N VAL A 127 12.58 9.14 7.26
CA VAL A 127 11.80 7.98 7.70
C VAL A 127 10.72 7.72 6.66
N ILE A 128 10.40 6.44 6.46
CA ILE A 128 9.28 6.00 5.62
C ILE A 128 8.06 5.81 6.52
N CYS A 129 6.88 5.93 5.94
CA CYS A 129 5.63 5.52 6.60
C CYS A 129 4.64 4.92 5.59
N THR A 130 3.68 4.16 6.11
CA THR A 130 2.49 3.68 5.38
C THR A 130 1.32 4.38 6.02
N SER A 131 0.13 4.25 5.43
CA SER A 131 -1.07 4.90 5.98
C SER A 131 -1.50 4.21 7.27
N ALA A 132 -1.08 2.96 7.49
CA ALA A 132 -1.31 2.26 8.76
C ALA A 132 -0.56 2.94 9.91
N ASN A 133 0.70 3.31 9.71
CA ASN A 133 1.57 3.74 10.83
C ASN A 133 1.97 5.22 10.79
N ALA A 134 1.49 5.98 9.80
CA ALA A 134 1.95 7.37 9.55
C ALA A 134 1.73 8.29 10.76
N VAL A 135 0.57 8.19 11.40
CA VAL A 135 0.21 8.97 12.61
C VAL A 135 1.18 8.64 13.74
N GLU A 136 1.32 7.35 14.07
CA GLU A 136 2.21 6.88 15.15
C GLU A 136 3.65 7.32 14.90
N VAL A 137 4.10 7.18 13.65
CA VAL A 137 5.50 7.51 13.24
C VAL A 137 5.79 9.00 13.44
N VAL A 138 4.93 9.87 12.88
CA VAL A 138 5.09 11.35 13.00
C VAL A 138 4.92 11.83 14.45
N LYS A 139 4.09 11.13 15.23
CA LYS A 139 3.91 11.38 16.67
C LYS A 139 5.23 11.19 17.42
N LYS A 140 5.93 10.09 17.18
CA LYS A 140 7.15 9.73 17.92
C LYS A 140 8.41 10.46 17.46
N LEU A 141 8.36 11.20 16.35
CA LEU A 141 9.50 12.06 15.97
C LEU A 141 9.63 13.21 16.96
N ASP A 142 10.86 13.63 17.26
CA ASP A 142 11.16 14.79 18.15
C ASP A 142 10.49 16.06 17.66
N SER A 143 10.49 16.27 16.36
CA SER A 143 10.03 17.52 15.73
C SER A 143 8.54 17.79 15.83
N SER A 144 8.20 19.07 15.76
CA SER A 144 6.83 19.57 15.72
C SER A 144 6.43 19.95 14.31
N VAL A 145 7.41 19.88 13.39
CA VAL A 145 7.25 20.17 11.96
C VAL A 145 7.85 19.02 11.17
N VAL A 146 7.18 18.60 10.11
CA VAL A 146 7.71 17.54 9.25
C VAL A 146 7.45 17.85 7.79
N ILE A 147 8.34 17.40 6.93
CA ILE A 147 8.17 17.41 5.48
C ILE A 147 7.58 16.05 5.14
N PHE A 148 6.49 16.05 4.39
CA PHE A 148 5.74 14.83 4.12
C PHE A 148 5.35 14.79 2.65
N GLY A 149 5.56 13.65 2.02
CA GLY A 149 5.10 13.44 0.64
C GLY A 149 5.10 11.96 0.28
N PRO A 150 4.55 11.60 -0.89
CA PRO A 150 3.98 12.53 -1.87
C PRO A 150 2.49 12.88 -1.75
N ASP A 151 1.77 12.31 -0.77
CA ASP A 151 0.29 12.42 -0.71
C ASP A 151 -0.16 13.53 0.25
N ARG A 152 -0.85 14.54 -0.27
CA ARG A 152 -1.27 15.74 0.49
C ARG A 152 -2.39 15.45 1.47
N ASN A 153 -3.36 14.65 1.06
CA ASN A 153 -4.49 14.25 1.92
C ASN A 153 -3.98 13.47 3.13
N LEU A 154 -3.14 12.46 2.94
CA LEU A 154 -2.57 11.71 4.08
C LEU A 154 -1.81 12.67 4.99
N GLY A 155 -1.06 13.61 4.41
CA GLY A 155 -0.26 14.58 5.19
C GLY A 155 -1.14 15.44 6.08
N GLU A 156 -2.27 15.91 5.55
CA GLU A 156 -3.22 16.74 6.31
C GLU A 156 -3.91 15.94 7.41
N TYR A 157 -4.31 14.69 7.10
CA TYR A 157 -4.81 13.74 8.09
C TYR A 157 -3.81 13.58 9.24
N VAL A 158 -2.54 13.37 8.90
CA VAL A 158 -1.47 13.21 9.91
C VAL A 158 -1.37 14.48 10.77
N ALA A 159 -1.40 15.65 10.14
CA ALA A 159 -1.38 16.95 10.83
C ALA A 159 -2.57 17.03 11.80
N GLU A 160 -3.76 16.71 11.31
CA GLU A 160 -4.99 16.67 12.13
C GLU A 160 -4.79 15.80 13.38
N LYS A 161 -4.34 14.56 13.23
CA LYS A 161 -4.28 13.63 14.37
C LYS A 161 -3.10 13.85 15.29
N THR A 162 -2.01 14.42 14.80
CA THR A 162 -0.79 14.66 15.61
C THR A 162 -0.75 16.08 16.16
N GLY A 163 -1.50 17.01 15.57
CA GLY A 163 -1.37 18.44 15.89
C GLY A 163 -0.06 19.07 15.40
N LYS A 164 0.77 18.33 14.65
CA LYS A 164 2.07 18.83 14.15
C LYS A 164 1.88 19.54 12.82
N LYS A 165 2.86 20.39 12.49
CA LYS A 165 2.93 21.04 11.16
C LYS A 165 3.45 20.02 10.15
N VAL A 166 2.70 19.82 9.07
CA VAL A 166 3.06 18.90 7.99
C VAL A 166 3.17 19.71 6.73
N ILE A 167 4.39 19.79 6.21
CA ILE A 167 4.67 20.54 4.98
C ILE A 167 4.66 19.54 3.84
N THR A 168 3.62 19.57 3.02
CA THR A 168 3.45 18.53 1.99
C THR A 168 4.20 18.92 0.72
N ILE A 169 4.76 17.88 0.10
CA ILE A 169 5.45 17.96 -1.18
C ILE A 169 5.04 16.73 -1.98
N PRO A 170 4.93 16.85 -3.31
CA PRO A 170 5.03 18.12 -4.02
C PRO A 170 3.77 18.96 -3.80
N GLU A 171 3.60 20.04 -4.54
CA GLU A 171 2.36 20.83 -4.47
C GLU A 171 1.26 20.03 -5.20
N ASN A 172 0.18 19.74 -4.49
CA ASN A 172 -1.03 19.04 -5.01
C ASN A 172 -0.83 17.54 -5.32
N GLY A 173 -0.09 16.82 -4.47
CA GLY A 173 0.04 15.36 -4.55
C GLY A 173 -1.19 14.65 -4.01
N HIS A 174 -1.89 13.89 -4.85
CA HIS A 174 -3.14 13.23 -4.49
C HIS A 174 -3.34 11.93 -5.26
N CYS A 175 -4.22 11.09 -4.76
CA CYS A 175 -4.53 9.78 -5.35
C CYS A 175 -5.91 9.86 -5.99
N PRO A 176 -6.00 9.60 -7.32
CA PRO A 176 -7.28 9.60 -8.06
C PRO A 176 -8.23 8.51 -7.56
N VAL A 177 -7.67 7.35 -7.21
CA VAL A 177 -8.43 6.17 -6.74
C VAL A 177 -9.31 6.50 -5.52
N HIS A 178 -8.83 7.38 -4.64
CA HIS A 178 -9.54 7.77 -3.40
C HIS A 178 -10.28 9.11 -3.48
N GLN A 179 -10.52 9.65 -4.67
CA GLN A 179 -11.29 10.90 -4.80
C GLN A 179 -12.75 10.50 -4.95
N PHE A 180 -13.33 10.05 -3.83
CA PHE A 180 -14.75 9.68 -3.75
C PHE A 180 -15.58 10.96 -3.65
N ASN A 181 -16.79 10.92 -4.17
CA ASN A 181 -17.79 12.00 -4.00
C ASN A 181 -18.34 11.90 -2.56
N ALA A 182 -18.33 13.01 -1.82
CA ALA A 182 -18.92 13.08 -0.45
C ALA A 182 -20.41 12.73 -0.48
N GLU A 183 -21.06 13.00 -1.61
CA GLU A 183 -22.49 12.76 -1.85
C GLU A 183 -22.77 11.26 -1.83
N SER A 184 -21.79 10.46 -2.25
CA SER A 184 -21.85 8.99 -2.21
C SER A 184 -22.05 8.47 -0.78
N ILE A 185 -21.52 9.16 0.23
CA ILE A 185 -21.72 8.79 1.66
C ILE A 185 -23.15 9.13 2.07
N ASP A 186 -23.61 10.33 1.72
CA ASP A 186 -24.99 10.75 2.02
C ASP A 186 -25.95 9.71 1.45
N ALA A 187 -25.73 9.33 0.18
CA ALA A 187 -26.53 8.31 -0.53
C ALA A 187 -26.57 6.95 0.20
N VAL A 188 -25.42 6.44 0.67
CA VAL A 188 -25.39 5.12 1.37
C VAL A 188 -26.00 5.19 2.77
N ARG A 189 -25.90 6.33 3.47
CA ARG A 189 -26.44 6.48 4.85
C ARG A 189 -27.97 6.47 4.87
N LYS A 190 -28.60 6.88 3.77
CA LYS A 190 -30.06 6.75 3.60
C LYS A 190 -30.41 5.33 3.14
N LYS A 191 -29.65 4.79 2.18
CA LYS A 191 -29.89 3.44 1.63
C LYS A 191 -29.64 2.32 2.64
N TYR A 192 -28.54 2.43 3.40
CA TYR A 192 -28.21 1.51 4.51
C TYR A 192 -27.97 2.32 5.78
N PRO A 193 -29.03 2.66 6.51
CA PRO A 193 -28.96 3.42 7.74
C PRO A 193 -28.03 2.89 8.82
N ASP A 194 -27.86 1.59 8.94
CA ASP A 194 -26.99 1.06 10.02
C ASP A 194 -25.60 0.66 9.55
N ALA A 195 -25.21 1.02 8.33
CA ALA A 195 -23.90 0.65 7.82
C ALA A 195 -22.80 1.52 8.38
N LYS A 196 -21.65 0.92 8.66
CA LYS A 196 -20.46 1.66 9.07
C LYS A 196 -19.65 1.96 7.82
N VAL A 197 -19.35 3.24 7.61
CA VAL A 197 -18.58 3.75 6.47
C VAL A 197 -17.12 3.86 6.90
N ILE A 198 -16.27 3.01 6.31
CA ILE A 198 -14.80 3.07 6.51
C ILE A 198 -14.16 3.63 5.24
N VAL A 199 -13.37 4.69 5.38
CA VAL A 199 -12.63 5.28 4.23
C VAL A 199 -11.12 5.35 4.51
N HIS A 200 -10.36 5.45 3.42
CA HIS A 200 -8.88 5.51 3.45
C HIS A 200 -8.47 6.96 3.78
N PRO A 201 -7.36 7.17 4.54
CA PRO A 201 -6.89 8.55 4.80
C PRO A 201 -6.42 9.36 3.56
N GLU A 202 -6.21 8.68 2.42
CA GLU A 202 -5.92 9.35 1.13
C GLU A 202 -7.16 10.03 0.53
N CYS A 203 -8.34 9.73 1.04
CA CYS A 203 -9.59 10.38 0.64
C CYS A 203 -9.56 11.86 1.03
N PRO A 204 -10.24 12.73 0.27
CA PRO A 204 -10.33 14.13 0.65
C PRO A 204 -11.02 14.33 2.01
N LYS A 205 -10.73 15.47 2.63
CA LYS A 205 -11.18 15.80 3.99
C LYS A 205 -12.71 15.69 4.18
N PRO A 206 -13.53 16.18 3.24
CA PRO A 206 -14.99 16.04 3.39
C PRO A 206 -15.49 14.59 3.45
N VAL A 207 -14.79 13.68 2.75
CA VAL A 207 -15.13 12.25 2.72
C VAL A 207 -14.71 11.59 4.04
N ARG A 208 -13.50 11.92 4.53
CA ARG A 208 -12.98 11.37 5.79
C ARG A 208 -13.90 11.76 6.94
N ASP A 209 -14.29 13.03 6.98
CA ASP A 209 -15.03 13.63 8.10
C ASP A 209 -16.46 13.11 8.20
N LYS A 210 -16.99 12.57 7.11
CA LYS A 210 -18.35 12.03 7.10
C LYS A 210 -18.35 10.53 7.33
N ALA A 211 -17.18 9.92 7.43
CA ALA A 211 -17.03 8.47 7.60
C ALA A 211 -17.07 8.16 9.09
N ASP A 212 -17.41 6.93 9.41
CA ASP A 212 -17.42 6.40 10.78
C ASP A 212 -16.01 6.02 11.21
N TYR A 213 -15.20 5.53 10.26
CA TYR A 213 -13.79 5.19 10.47
C TYR A 213 -12.94 5.67 9.29
N VAL A 214 -11.72 6.11 9.62
CA VAL A 214 -10.68 6.41 8.63
C VAL A 214 -9.55 5.43 8.91
N GLY A 215 -9.13 4.68 7.91
CA GLY A 215 -8.02 3.74 8.06
C GLY A 215 -7.52 3.18 6.75
N SER A 216 -6.30 2.67 6.79
CA SER A 216 -5.66 2.00 5.66
C SER A 216 -6.27 0.61 5.50
N THR A 217 -5.84 -0.13 4.49
CA THR A 217 -6.43 -1.46 4.22
C THR A 217 -6.21 -2.42 5.40
N GLY A 218 -4.99 -2.41 5.96
CA GLY A 218 -4.63 -3.23 7.13
C GLY A 218 -5.53 -2.91 8.33
N GLN A 219 -5.87 -1.63 8.47
CA GLN A 219 -6.73 -1.12 9.55
C GLN A 219 -8.18 -1.50 9.26
N MET A 220 -8.63 -1.27 8.04
CA MET A 220 -9.98 -1.65 7.61
C MET A 220 -10.25 -3.12 7.97
N GLU A 221 -9.30 -4.01 7.73
CA GLU A 221 -9.55 -5.44 7.92
C GLU A 221 -9.50 -5.86 9.40
N LYS A 222 -9.24 -4.92 10.30
CA LYS A 222 -9.26 -5.22 11.72
C LYS A 222 -10.52 -4.64 12.35
N ILE A 223 -11.24 -3.78 11.65
CA ILE A 223 -12.42 -3.09 12.22
C ILE A 223 -13.56 -4.07 12.57
N PRO A 224 -13.87 -5.05 11.71
CA PRO A 224 -14.89 -6.04 12.05
C PRO A 224 -14.50 -7.01 13.17
N GLU A 225 -13.22 -7.06 13.54
CA GLU A 225 -12.76 -7.80 14.72
C GLU A 225 -13.30 -7.18 16.02
N ARG A 226 -13.65 -5.89 15.99
CA ARG A 226 -14.15 -5.16 17.17
C ARG A 226 -15.48 -4.42 16.99
N ASP A 227 -15.99 -4.28 15.77
CA ASP A 227 -17.30 -3.64 15.50
C ASP A 227 -18.22 -4.71 14.93
N PRO A 228 -19.36 -5.02 15.60
CA PRO A 228 -20.17 -6.18 15.20
C PRO A 228 -21.13 -5.91 14.03
N SER A 229 -21.14 -4.69 13.51
CA SER A 229 -22.08 -4.25 12.45
C SER A 229 -22.10 -5.25 11.30
N ARG A 230 -23.27 -5.44 10.71
CA ARG A 230 -23.44 -6.44 9.64
C ARG A 230 -23.00 -5.91 8.30
N ILE A 231 -23.07 -4.60 8.13
CA ILE A 231 -22.76 -3.95 6.84
C ILE A 231 -21.66 -2.89 7.02
N PHE A 232 -20.63 -2.98 6.17
CA PHE A 232 -19.57 -1.97 6.10
C PHE A 232 -19.53 -1.40 4.69
N VAL A 233 -19.50 -0.08 4.59
CA VAL A 233 -19.26 0.61 3.31
C VAL A 233 -17.77 1.03 3.24
N ILE A 234 -17.11 0.62 2.15
CA ILE A 234 -15.63 0.63 2.03
C ILE A 234 -15.17 1.62 0.97
N GLY A 235 -14.57 2.72 1.40
CA GLY A 235 -14.02 3.77 0.51
C GLY A 235 -12.54 3.59 0.29
N THR A 236 -12.17 2.53 -0.42
CA THR A 236 -10.82 2.32 -0.99
C THR A 236 -10.98 1.53 -2.29
N GLU A 237 -9.86 1.06 -2.82
CA GLU A 237 -9.78 0.33 -4.08
C GLU A 237 -10.53 -1.02 -3.98
N ILE A 238 -11.18 -1.37 -5.08
CA ILE A 238 -12.18 -2.46 -5.16
C ILE A 238 -11.63 -3.82 -4.69
N GLY A 239 -10.33 -4.04 -4.82
CA GLY A 239 -9.65 -5.27 -4.37
C GLY A 239 -9.88 -5.61 -2.91
N MET A 240 -10.01 -4.58 -2.06
CA MET A 240 -10.22 -4.81 -0.62
C MET A 240 -11.57 -5.45 -0.32
N ILE A 241 -12.60 -5.24 -1.15
CA ILE A 241 -13.94 -5.87 -0.93
C ILE A 241 -13.78 -7.38 -0.89
N HIS A 242 -13.05 -7.94 -1.86
CA HIS A 242 -12.83 -9.41 -1.93
C HIS A 242 -12.10 -9.85 -0.67
N LYS A 243 -11.04 -9.14 -0.30
CA LYS A 243 -10.21 -9.44 0.90
C LYS A 243 -11.12 -9.50 2.13
N LEU A 244 -11.98 -8.51 2.31
CA LEU A 244 -12.83 -8.44 3.50
C LEU A 244 -13.90 -9.54 3.51
N LYS A 245 -14.53 -9.77 2.37
CA LYS A 245 -15.57 -10.78 2.21
C LYS A 245 -15.03 -12.15 2.57
N LYS A 246 -13.83 -12.45 2.10
CA LYS A 246 -13.12 -13.70 2.41
C LYS A 246 -12.88 -13.85 3.93
N LYS A 247 -12.38 -12.78 4.54
CA LYS A 247 -12.03 -12.81 6.01
CA LYS A 247 -12.07 -12.73 5.98
C LYS A 247 -13.29 -12.87 6.92
N PHE A 248 -14.30 -12.09 6.57
CA PHE A 248 -15.54 -11.95 7.32
C PHE A 248 -16.73 -12.26 6.44
N PRO A 249 -16.94 -13.55 6.16
CA PRO A 249 -18.02 -14.06 5.33
C PRO A 249 -19.41 -13.74 5.88
N ASP A 250 -19.49 -13.63 7.21
CA ASP A 250 -20.70 -13.33 7.98
C ASP A 250 -21.19 -11.91 7.77
N ARG A 251 -20.36 -10.99 7.28
CA ARG A 251 -20.82 -9.59 7.11
C ARG A 251 -20.91 -9.18 5.66
N GLU A 252 -21.45 -8.01 5.44
CA GLU A 252 -21.61 -7.48 4.10
C GLU A 252 -20.69 -6.29 3.87
N PHE A 253 -20.02 -6.30 2.72
CA PHE A 253 -19.11 -5.20 2.33
C PHE A 253 -19.56 -4.60 1.02
N VAL A 254 -19.73 -3.28 1.04
CA VAL A 254 -20.32 -2.51 -0.04
C VAL A 254 -19.36 -1.40 -0.46
N PRO A 255 -18.90 -1.40 -1.73
CA PRO A 255 -18.00 -0.33 -2.17
C PRO A 255 -18.67 1.04 -2.07
N LEU A 256 -17.99 2.03 -1.51
CA LEU A 256 -18.53 3.40 -1.47
C LEU A 256 -18.85 3.83 -2.89
N GLU A 257 -17.87 3.64 -3.78
CA GLU A 257 -18.01 3.69 -5.25
C GLU A 257 -17.03 2.67 -5.83
N MET A 258 -17.20 2.34 -7.10
CA MET A 258 -16.21 1.56 -7.84
C MET A 258 -14.94 2.41 -8.01
N ALA A 259 -13.82 1.96 -7.45
CA ALA A 259 -12.51 2.64 -7.57
C ALA A 259 -11.46 1.61 -7.92
N VAL A 260 -10.86 1.75 -9.09
CA VAL A 260 -9.93 0.77 -9.69
C VAL A 260 -8.57 1.46 -9.91
N CYS A 261 -7.52 0.88 -9.34
CA CYS A 261 -6.13 1.29 -9.60
C CYS A 261 -5.67 0.52 -10.84
N VAL A 262 -5.55 1.21 -11.98
CA VAL A 262 -5.24 0.60 -13.30
C VAL A 262 -3.91 -0.18 -13.22
N ASN A 263 -2.90 0.38 -12.55
CA ASN A 263 -1.58 -0.26 -12.45
C ASN A 263 -1.64 -1.58 -11.66
N MET A 264 -2.43 -1.61 -10.59
CA MET A 264 -2.62 -2.84 -9.81
C MET A 264 -3.25 -3.94 -10.66
N LYS A 265 -4.12 -3.55 -11.60
CA LYS A 265 -4.82 -4.48 -12.49
C LYS A 265 -3.99 -4.84 -13.72
N LYS A 266 -2.74 -4.39 -13.81
CA LYS A 266 -1.84 -4.82 -14.88
C LYS A 266 -1.48 -6.29 -14.67
N ASN A 267 -1.49 -6.76 -13.43
CA ASN A 267 -1.13 -8.14 -13.11
C ASN A 267 -2.34 -9.01 -13.38
N THR A 268 -2.15 -10.08 -14.16
CA THR A 268 -3.23 -11.00 -14.55
C THR A 268 -2.76 -12.43 -14.33
N LEU A 269 -3.68 -13.37 -14.46
CA LEU A 269 -3.31 -14.80 -14.38
C LEU A 269 -2.33 -15.16 -15.50
N GLU A 270 -2.57 -14.64 -16.70
CA GLU A 270 -1.72 -14.87 -17.87
C GLU A 270 -0.27 -14.41 -17.62
N ASN A 271 -0.06 -13.12 -17.32
CA ASN A 271 1.32 -12.60 -17.12
C ASN A 271 1.94 -13.17 -15.84
N THR A 272 1.12 -13.50 -14.84
CA THR A 272 1.61 -14.24 -13.64
C THR A 272 2.15 -15.63 -14.00
N LEU A 273 1.44 -16.36 -14.87
CA LEU A 273 1.92 -17.67 -15.36
C LEU A 273 3.24 -17.50 -16.14
N HIS A 274 3.29 -16.52 -17.06
CA HIS A 274 4.51 -16.19 -17.84
C HIS A 274 5.67 -15.93 -16.88
N ALA A 275 5.40 -15.19 -15.81
CA ALA A 275 6.39 -14.89 -14.77
C ALA A 275 6.99 -16.16 -14.19
N LEU A 276 6.16 -17.14 -13.86
CA LEU A 276 6.67 -18.40 -13.25
C LEU A 276 7.36 -19.30 -14.28
N GLN A 277 6.84 -19.31 -15.52
CA GLN A 277 7.47 -20.04 -16.64
C GLN A 277 8.91 -19.54 -16.89
N THR A 278 9.06 -18.22 -17.03
CA THR A 278 10.30 -17.57 -17.44
C THR A 278 11.16 -17.14 -16.25
N GLU A 279 10.56 -17.07 -15.05
CA GLU A 279 11.21 -16.57 -13.84
C GLU A 279 11.68 -15.10 -14.03
N SER A 280 10.80 -14.29 -14.58
CA SER A 280 11.03 -12.85 -14.85
C SER A 280 9.75 -12.12 -14.44
N PHE A 281 9.77 -10.80 -14.19
CA PHE A 281 10.94 -9.93 -14.30
C PHE A 281 11.55 -9.66 -12.94
N GLU A 282 12.85 -9.81 -12.85
CA GLU A 282 13.53 -9.67 -11.56
C GLU A 282 13.60 -8.20 -11.17
N VAL A 283 13.32 -7.96 -9.90
CA VAL A 283 13.45 -6.63 -9.27
C VAL A 283 14.91 -6.51 -8.86
N ILE A 284 15.61 -5.59 -9.52
CA ILE A 284 17.02 -5.32 -9.27
C ILE A 284 17.15 -3.85 -8.96
N LEU A 285 17.79 -3.56 -7.84
CA LEU A 285 18.14 -2.17 -7.50
C LEU A 285 19.64 -2.09 -7.38
N PRO A 286 20.25 -0.96 -7.73
CA PRO A 286 21.67 -0.79 -7.41
C PRO A 286 21.88 -1.02 -5.91
N LYS A 287 22.88 -1.79 -5.53
CA LYS A 287 23.15 -2.10 -4.09
C LYS A 287 23.23 -0.82 -3.26
N GLU A 288 23.77 0.25 -3.87
CA GLU A 288 23.82 1.59 -3.29
C GLU A 288 22.42 2.10 -2.90
N VAL A 289 21.42 1.89 -3.76
CA VAL A 289 20.01 2.27 -3.49
C VAL A 289 19.50 1.45 -2.33
N ILE A 290 19.75 0.14 -2.34
CA ILE A 290 19.32 -0.73 -1.24
C ILE A 290 19.88 -0.21 0.08
N GLU A 291 21.19 -0.02 0.14
CA GLU A 291 21.87 0.42 1.39
CA GLU A 291 21.85 0.41 1.39
C GLU A 291 21.33 1.77 1.87
N LYS A 292 21.16 2.73 0.95
CA LYS A 292 20.69 4.08 1.34
C LYS A 292 19.21 4.14 1.70
N ALA A 293 18.36 3.41 0.98
CA ALA A 293 16.89 3.39 1.24
C ALA A 293 16.55 2.59 2.51
N LYS A 294 17.39 1.65 2.87
CA LYS A 294 17.13 0.79 4.03
C LYS A 294 17.11 1.55 5.36
N LYS A 295 17.85 2.64 5.47
CA LYS A 295 17.99 3.41 6.74
C LYS A 295 16.66 4.06 7.16
N PRO A 296 16.00 4.89 6.30
CA PRO A 296 14.70 5.41 6.71
C PRO A 296 13.61 4.34 6.91
N ILE A 297 13.73 3.21 6.23
CA ILE A 297 12.82 2.06 6.43
C ILE A 297 13.01 1.45 7.83
N LEU A 298 14.24 1.14 8.21
CA LEU A 298 14.52 0.63 9.57
C LEU A 298 14.15 1.67 10.64
N ARG A 299 14.40 2.95 10.39
CA ARG A 299 13.92 3.99 11.32
C ARG A 299 12.42 3.75 11.55
N MET A 300 11.66 3.47 10.49
CA MET A 300 10.20 3.29 10.60
C MET A 300 9.86 2.19 11.60
N PHE A 301 10.52 1.04 11.52
CA PHE A 301 10.27 -0.08 12.46
C PHE A 301 10.69 0.30 13.87
N GLU A 302 11.82 0.98 14.01
CA GLU A 302 12.33 1.44 15.31
C GLU A 302 11.28 2.30 15.98
N LEU A 303 10.67 3.22 15.23
CA LEU A 303 9.60 4.11 15.77
C LEU A 303 8.24 3.42 15.93
N MET A 304 7.99 2.31 15.22
CA MET A 304 6.75 1.50 15.37
C MET A 304 6.86 0.56 16.57
N GLY A 305 7.84 -0.34 16.49
CA GLY A 305 7.96 -1.50 17.37
C GLY A 305 8.49 -1.10 18.74
FE FE B . -3.32 5.83 -3.43
FE FE C . -1.55 4.07 -3.90
S H2S D . -1.28 6.22 -3.73
S H2S E . -3.69 3.70 -3.88
FE FE F . -0.61 4.83 -6.81
FE FE G . -2.98 2.67 -6.97
S H2S H . -0.64 2.89 -5.84
S H2S I . -3.42 4.54 -8.07
O1 QAT J . -3.95 1.26 2.62
C7 QAT J . -2.97 0.64 2.18
O2 QAT J . -2.62 -0.45 2.66
C2 QAT J . -2.23 1.22 1.03
N1 QAT J . -2.85 2.14 0.29
C6 QAT J . -2.26 2.71 -0.76
C5 QAT J . -0.96 2.37 -1.12
S QAT J . -0.24 3.14 -2.46
C4 QAT J . -0.25 1.41 -0.40
C3 QAT J . -0.85 0.81 0.68
C8 QAT J . -0.11 -0.20 1.47
O4 QAT J . 0.14 -1.33 1.02
O3 QAT J . 0.23 0.14 2.61
#